data_6Z0M
#
_entry.id   6Z0M
#
_cell.length_a   76.875
_cell.length_b   73.097
_cell.length_c   84.128
_cell.angle_alpha   90.000
_cell.angle_beta   105.020
_cell.angle_gamma   90.000
#
_symmetry.space_group_name_H-M   'C 1 2 1'
#
loop_
_entity.id
_entity.type
_entity.pdbx_description
1 polymer 'Positive Strand'
2 polymer 'Cys-Ncap strand'
3 non-polymer 'SULFATE ION'
4 non-polymer 'ZINC ION'
5 water water
#
loop_
_entity_poly.entity_id
_entity_poly.type
_entity_poly.pdbx_seq_one_letter_code
_entity_poly.pdbx_strand_id
1 'polypeptide(L)' (ACE)NLAALRSELQALRREGFSPERLAALESRLQALERRLAALRSRLQALRG(NH2) A,C,E,G
2 'polypeptide(L)' (ACE)CLAALRSELQALRREGFSPEELAALESELQALERELAALRSELQALRG(NH2) B,D,F,H
#
loop_
_chem_comp.id
_chem_comp.type
_chem_comp.name
_chem_comp.formula
ACE non-polymer 'ACETYL GROUP' 'C2 H4 O'
NH2 non-polymer 'AMINO GROUP' 'H2 N'
SO4 non-polymer 'SULFATE ION' 'O4 S -2'
ZN non-polymer 'ZINC ION' 'Zn 2'
#
# COMPACT_ATOMS: atom_id res chain seq x y z
C ACE A 1 -16.91 3.17 5.20
O ACE A 1 -16.21 2.44 5.89
CH3 ACE A 1 -16.43 4.54 4.80
H1 ACE A 1 -15.95 4.99 5.63
H2 ACE A 1 -15.74 4.45 4.01
H3 ACE A 1 -17.25 5.13 4.50
N ASN A 2 -18.12 2.81 4.74
CA ASN A 2 -18.70 1.51 5.07
C ASN A 2 -19.08 0.75 3.81
N LEU A 3 -18.38 -0.37 3.56
CA LEU A 3 -18.62 -1.13 2.34
C LEU A 3 -19.97 -1.85 2.39
N ALA A 4 -20.41 -2.27 3.57
CA ALA A 4 -21.72 -2.93 3.68
C ALA A 4 -22.82 -1.98 3.25
N ALA A 5 -22.71 -0.70 3.60
CA ALA A 5 -23.71 0.27 3.19
C ALA A 5 -23.73 0.44 1.67
N LEU A 6 -22.55 0.43 1.03
CA LEU A 6 -22.51 0.53 -0.42
C LEU A 6 -23.13 -0.69 -1.09
N ARG A 7 -22.88 -1.89 -0.55
CA ARG A 7 -23.51 -3.08 -1.10
C ARG A 7 -25.02 -3.01 -0.97
N SER A 8 -25.52 -2.56 0.19
CA SER A 8 -26.96 -2.42 0.36
C SER A 8 -27.54 -1.45 -0.67
N GLU A 9 -26.87 -0.32 -0.89
CA GLU A 9 -27.35 0.64 -1.86
C GLU A 9 -27.34 0.07 -3.28
N LEU A 10 -26.27 -0.65 -3.63
CA LEU A 10 -26.20 -1.26 -4.96
C LEU A 10 -27.36 -2.22 -5.16
N GLN A 11 -27.62 -3.07 -4.17
CA GLN A 11 -28.70 -4.04 -4.31
C GLN A 11 -30.06 -3.35 -4.33
N ALA A 12 -30.20 -2.23 -3.62
CA ALA A 12 -31.44 -1.46 -3.68
C ALA A 12 -31.65 -0.90 -5.09
N LEU A 13 -30.60 -0.38 -5.70
CA LEU A 13 -30.72 0.12 -7.06
C LEU A 13 -31.10 -0.99 -8.03
N ARG A 14 -30.58 -2.20 -7.80
CA ARG A 14 -30.96 -3.33 -8.64
C ARG A 14 -32.44 -3.67 -8.46
N ARG A 15 -32.88 -3.76 -7.21
CA ARG A 15 -34.30 -4.01 -6.94
C ARG A 15 -35.17 -2.96 -7.61
N GLU A 16 -34.69 -1.72 -7.69
CA GLU A 16 -35.48 -0.62 -8.20
C GLU A 16 -35.45 -0.51 -9.72
N GLY A 17 -34.70 -1.36 -10.40
CA GLY A 17 -34.72 -1.37 -11.85
C GLY A 17 -33.74 -0.44 -12.51
N PHE A 18 -32.68 -0.03 -11.82
CA PHE A 18 -31.66 0.80 -12.44
C PHE A 18 -30.81 -0.04 -13.41
N SER A 19 -30.05 0.66 -14.25
CA SER A 19 -29.28 0.06 -15.34
C SER A 19 -28.54 -1.21 -14.91
N PRO A 20 -28.92 -2.38 -15.42
CA PRO A 20 -28.18 -3.60 -15.05
C PRO A 20 -26.71 -3.56 -15.44
N GLU A 21 -26.41 -2.97 -16.60
CA GLU A 21 -25.01 -2.93 -17.05
CA GLU A 21 -25.02 -2.90 -17.06
C GLU A 21 -24.18 -2.06 -16.11
N ARG A 22 -24.69 -0.89 -15.72
CA ARG A 22 -23.93 -0.06 -14.79
CA ARG A 22 -23.95 -0.05 -14.79
C ARG A 22 -23.79 -0.73 -13.44
N LEU A 23 -24.86 -1.38 -12.96
CA LEU A 23 -24.79 -2.05 -11.67
C LEU A 23 -23.79 -3.21 -11.69
N ALA A 24 -23.72 -3.94 -12.80
CA ALA A 24 -22.76 -5.05 -12.88
C ALA A 24 -21.33 -4.52 -12.78
N ALA A 25 -21.04 -3.41 -13.45
CA ALA A 25 -19.70 -2.84 -13.37
C ALA A 25 -19.39 -2.34 -11.96
N LEU A 26 -20.35 -1.69 -11.31
CA LEU A 26 -20.12 -1.21 -9.96
C LEU A 26 -19.99 -2.37 -8.98
N GLU A 27 -20.76 -3.44 -9.18
CA GLU A 27 -20.68 -4.57 -8.26
C GLU A 27 -19.34 -5.28 -8.37
N SER A 28 -18.79 -5.38 -9.59
CA SER A 28 -17.47 -5.98 -9.75
CA SER A 28 -17.47 -5.98 -9.75
CA SER A 28 -17.47 -5.98 -9.75
C SER A 28 -16.42 -5.18 -8.96
N ARG A 29 -16.51 -3.85 -9.00
CA ARG A 29 -15.60 -3.03 -8.23
C ARG A 29 -15.83 -3.21 -6.74
N LEU A 30 -17.11 -3.25 -6.32
CA LEU A 30 -17.44 -3.48 -4.93
C LEU A 30 -16.87 -4.80 -4.44
N GLN A 31 -17.05 -5.87 -5.22
CA GLN A 31 -16.57 -7.18 -4.79
C GLN A 31 -15.06 -7.21 -4.65
N ALA A 32 -14.35 -6.53 -5.55
CA ALA A 32 -12.90 -6.47 -5.43
C ALA A 32 -12.47 -5.73 -4.17
N LEU A 33 -13.17 -4.63 -3.84
CA LEU A 33 -12.84 -3.90 -2.62
C LEU A 33 -13.15 -4.74 -1.39
N GLU A 34 -14.23 -5.51 -1.42
CA GLU A 34 -14.56 -6.39 -0.30
CA GLU A 34 -14.55 -6.38 -0.29
C GLU A 34 -13.46 -7.41 -0.06
N ARG A 35 -12.90 -7.97 -1.15
CA ARG A 35 -11.82 -8.94 -1.00
CA ARG A 35 -11.82 -8.94 -1.00
C ARG A 35 -10.56 -8.27 -0.47
N ARG A 36 -10.23 -7.07 -0.97
CA ARG A 36 -9.05 -6.38 -0.48
C ARG A 36 -9.22 -6.00 1.00
N LEU A 37 -10.43 -5.61 1.38
CA LEU A 37 -10.68 -5.25 2.77
CA LEU A 37 -10.71 -5.26 2.77
C LEU A 37 -10.54 -6.47 3.68
N ALA A 38 -11.03 -7.63 3.25
CA ALA A 38 -10.88 -8.84 4.04
C ALA A 38 -9.42 -9.23 4.18
N ALA A 39 -8.64 -9.07 3.11
CA ALA A 39 -7.21 -9.39 3.18
C ALA A 39 -6.48 -8.46 4.15
N LEU A 40 -6.79 -7.17 4.09
CA LEU A 40 -6.19 -6.22 5.03
C LEU A 40 -6.56 -6.60 6.47
N ARG A 41 -7.83 -6.91 6.71
CA ARG A 41 -8.25 -7.31 8.06
CA ARG A 41 -8.25 -7.31 8.06
C ARG A 41 -7.47 -8.53 8.53
N SER A 42 -7.27 -9.51 7.64
CA SER A 42 -6.55 -10.71 8.04
CA SER A 42 -6.54 -10.71 8.03
C SER A 42 -5.10 -10.40 8.41
N ARG A 43 -4.45 -9.52 7.65
CA ARG A 43 -3.05 -9.20 7.95
CA ARG A 43 -3.05 -9.19 7.95
C ARG A 43 -2.93 -8.42 9.26
N LEU A 44 -3.90 -7.54 9.55
CA LEU A 44 -3.89 -6.85 10.83
C LEU A 44 -4.08 -7.83 11.98
N GLN A 45 -4.94 -8.83 11.78
CA GLN A 45 -5.12 -9.87 12.80
C GLN A 45 -3.85 -10.67 12.98
N ALA A 46 -3.20 -11.05 11.88
CA ALA A 46 -1.96 -11.83 11.98
C ALA A 46 -0.89 -11.04 12.71
N LEU A 47 -0.80 -9.73 12.47
CA LEU A 47 0.18 -8.90 13.17
C LEU A 47 -0.16 -8.81 14.65
N ARG A 48 -1.44 -8.58 14.97
CA ARG A 48 -1.86 -8.52 16.37
C ARG A 48 -1.57 -9.84 17.09
N GLY A 49 -1.87 -10.95 16.45
CA GLY A 49 -1.71 -12.26 17.08
C GLY A 49 -0.25 -12.65 17.29
N NH2 A 50 0.62 -12.17 16.42
HN1 NH2 A 50 1.43 -12.50 16.78
HN2 NH2 A 50 0.64 -11.42 15.82
C ACE B 1 -16.38 -1.90 6.78
O ACE B 1 -16.03 -1.06 5.96
CH3 ACE B 1 -16.82 -3.28 6.34
H1 ACE B 1 -17.53 -3.18 5.56
H2 ACE B 1 -15.99 -3.83 6.00
H3 ACE B 1 -17.27 -3.78 7.16
N CYS B 2 -16.38 -1.69 8.09
CA CYS B 2 -15.98 -0.41 8.67
C CYS B 2 -14.47 -0.18 8.53
N LEU B 3 -14.10 0.61 7.51
CA LEU B 3 -12.69 1.01 7.38
C LEU B 3 -12.20 1.74 8.63
N ALA B 4 -13.09 2.47 9.30
CA ALA B 4 -12.69 3.15 10.54
C ALA B 4 -12.20 2.15 11.57
N ALA B 5 -12.83 0.98 11.65
CA ALA B 5 -12.40 -0.03 12.60
C ALA B 5 -10.99 -0.52 12.28
N LEU B 6 -10.70 -0.74 10.99
CA LEU B 6 -9.34 -1.16 10.62
C LEU B 6 -8.33 -0.05 10.87
N ARG B 7 -8.71 1.20 10.59
CA ARG B 7 -7.81 2.30 10.86
C ARG B 7 -7.53 2.41 12.36
N SER B 8 -8.56 2.27 13.19
CA SER B 8 -8.35 2.32 14.63
CA SER B 8 -8.35 2.32 14.64
C SER B 8 -7.45 1.19 15.11
N GLU B 9 -7.61 -0.01 14.54
CA GLU B 9 -6.76 -1.13 14.92
C GLU B 9 -5.33 -0.89 14.46
N LEU B 10 -5.14 -0.40 13.24
CA LEU B 10 -3.80 -0.12 12.74
C LEU B 10 -3.09 0.90 13.63
N GLN B 11 -3.80 1.97 14.00
CA GLN B 11 -3.22 3.00 14.86
CA GLN B 11 -3.19 2.99 14.84
C GLN B 11 -2.91 2.44 16.24
N ALA B 12 -3.78 1.58 16.76
CA ALA B 12 -3.53 0.98 18.06
C ALA B 12 -2.29 0.10 18.03
N LEU B 13 -2.14 -0.70 16.97
CA LEU B 13 -0.94 -1.52 16.84
C LEU B 13 0.31 -0.66 16.75
N ARG B 14 0.20 0.49 16.10
CA ARG B 14 1.36 1.39 16.03
C ARG B 14 1.71 1.94 17.39
N ARG B 15 0.70 2.43 18.14
CA ARG B 15 0.97 2.94 19.48
C ARG B 15 1.62 1.87 20.34
N GLU B 16 1.22 0.61 20.16
CA GLU B 16 1.72 -0.49 20.97
C GLU B 16 3.06 -1.03 20.50
N GLY B 17 3.63 -0.45 19.44
CA GLY B 17 4.97 -0.79 19.02
C GLY B 17 5.08 -1.99 18.11
N PHE B 18 4.00 -2.38 17.44
CA PHE B 18 4.11 -3.47 16.50
C PHE B 18 4.88 -3.01 15.26
N SER B 19 5.32 -4.00 14.46
CA SER B 19 6.26 -3.77 13.37
C SER B 19 5.94 -2.51 12.58
N PRO B 20 6.76 -1.47 12.68
CA PRO B 20 6.51 -0.26 11.88
C PRO B 20 6.53 -0.52 10.39
N GLU B 21 7.41 -1.40 9.93
CA GLU B 21 7.52 -1.67 8.49
C GLU B 21 6.27 -2.35 7.96
N GLU B 22 5.74 -3.33 8.71
CA GLU B 22 4.50 -3.98 8.27
CA GLU B 22 4.50 -3.98 8.27
C GLU B 22 3.32 -3.03 8.35
N LEU B 23 3.26 -2.20 9.41
CA LEU B 23 2.17 -1.25 9.53
C LEU B 23 2.20 -0.23 8.41
N ALA B 24 3.39 0.19 7.99
CA ALA B 24 3.48 1.16 6.90
C ALA B 24 2.93 0.58 5.61
N ALA B 25 3.22 -0.70 5.34
CA ALA B 25 2.70 -1.35 4.14
C ALA B 25 1.19 -1.48 4.22
N LEU B 26 0.65 -1.85 5.38
CA LEU B 26 -0.78 -1.99 5.53
C LEU B 26 -1.49 -0.64 5.46
N GLU B 27 -0.86 0.41 6.00
CA GLU B 27 -1.48 1.73 5.95
CA GLU B 27 -1.49 1.72 5.94
C GLU B 27 -1.58 2.24 4.52
N SER B 28 -0.61 1.91 3.66
CA SER B 28 -0.71 2.31 2.27
CA SER B 28 -0.71 2.30 2.26
C SER B 28 -1.93 1.68 1.61
N GLU B 29 -2.22 0.41 1.93
CA GLU B 29 -3.39 -0.25 1.35
C GLU B 29 -4.68 0.28 1.97
N LEU B 30 -4.67 0.53 3.29
CA LEU B 30 -5.85 1.11 3.91
C LEU B 30 -6.19 2.46 3.29
N GLN B 31 -5.19 3.29 3.06
CA GLN B 31 -5.44 4.58 2.41
CA GLN B 31 -5.43 4.57 2.41
C GLN B 31 -6.02 4.39 1.01
N ALA B 32 -5.50 3.40 0.27
CA ALA B 32 -6.01 3.15 -1.08
C ALA B 32 -7.47 2.72 -1.04
N LEU B 33 -7.82 1.86 -0.07
CA LEU B 33 -9.22 1.43 0.03
C LEU B 33 -10.14 2.58 0.42
N GLU B 34 -9.66 3.49 1.27
CA GLU B 34 -10.46 4.66 1.62
C GLU B 34 -10.77 5.49 0.39
N ARG B 35 -9.77 5.70 -0.48
CA ARG B 35 -10.01 6.44 -1.72
C ARG B 35 -11.00 5.69 -2.60
N GLU B 36 -10.81 4.39 -2.77
CA GLU B 36 -11.67 3.61 -3.65
C GLU B 36 -13.11 3.62 -3.17
N LEU B 37 -13.31 3.53 -1.85
CA LEU B 37 -14.66 3.55 -1.31
C LEU B 37 -15.36 4.87 -1.61
N ALA B 38 -14.67 5.98 -1.37
CA ALA B 38 -15.26 7.28 -1.65
C ALA B 38 -15.65 7.41 -3.12
N ALA B 39 -14.80 6.91 -4.02
CA ALA B 39 -15.11 6.97 -5.44
C ALA B 39 -16.33 6.12 -5.77
N LEU B 40 -16.40 4.91 -5.23
CA LEU B 40 -17.55 4.05 -5.50
C LEU B 40 -18.83 4.64 -4.94
N ARG B 41 -18.77 5.20 -3.73
CA ARG B 41 -19.94 5.86 -3.18
C ARG B 41 -20.46 6.96 -4.11
N SER B 42 -19.54 7.75 -4.68
CA SER B 42 -19.95 8.83 -5.57
CA SER B 42 -19.94 8.82 -5.58
C SER B 42 -20.62 8.27 -6.82
N GLU B 43 -20.10 7.17 -7.37
CA GLU B 43 -20.73 6.58 -8.55
C GLU B 43 -22.12 6.06 -8.25
N LEU B 44 -22.31 5.45 -7.07
CA LEU B 44 -23.64 4.98 -6.69
C LEU B 44 -24.60 6.15 -6.52
N GLN B 45 -24.13 7.24 -5.90
CA GLN B 45 -24.95 8.44 -5.78
C GLN B 45 -25.34 8.97 -7.15
N ALA B 46 -24.39 9.00 -8.08
CA ALA B 46 -24.68 9.51 -9.42
C ALA B 46 -25.71 8.64 -10.13
N LEU B 47 -25.62 7.32 -9.96
CA LEU B 47 -26.60 6.43 -10.56
C LEU B 47 -27.98 6.63 -9.93
N ARG B 48 -28.02 6.73 -8.59
CA ARG B 48 -29.29 6.97 -7.90
C ARG B 48 -29.91 8.29 -8.36
N GLY B 49 -29.12 9.34 -8.47
CA GLY B 49 -29.62 10.65 -8.83
C GLY B 49 -30.11 10.77 -10.25
N NH2 B 50 -29.70 9.83 -11.10
HN1 NH2 B 50 -30.05 10.16 -11.93
HN2 NH2 B 50 -29.05 9.13 -11.10
C ACE C 1 23.69 -3.70 -13.64
O ACE C 1 24.07 -2.85 -14.43
CH3 ACE C 1 23.36 -5.10 -14.11
H1 ACE C 1 23.30 -5.11 -15.17
H2 ACE C 1 24.12 -5.76 -13.79
H3 ACE C 1 22.44 -5.39 -13.70
N ASN C 2 23.56 -3.48 -12.34
CA ASN C 2 23.85 -2.18 -11.74
C ASN C 2 25.35 -1.89 -11.78
N LEU C 3 25.73 -0.93 -12.61
CA LEU C 3 27.15 -0.55 -12.71
C LEU C 3 27.59 0.23 -11.48
N ALA C 4 26.69 0.98 -10.87
CA ALA C 4 27.04 1.72 -9.65
C ALA C 4 27.51 0.77 -8.55
N ALA C 5 26.91 -0.40 -8.45
CA ALA C 5 27.34 -1.37 -7.44
C ALA C 5 28.77 -1.84 -7.73
N LEU C 6 29.09 -2.06 -9.01
CA LEU C 6 30.44 -2.47 -9.36
C LEU C 6 31.44 -1.37 -9.07
N ARG C 7 31.07 -0.12 -9.37
CA ARG C 7 31.98 0.99 -9.11
CA ARG C 7 31.98 1.00 -9.11
C ARG C 7 32.22 1.15 -7.61
N SER C 8 31.19 0.95 -6.80
CA SER C 8 31.36 1.03 -5.34
CA SER C 8 31.36 1.04 -5.35
C SER C 8 32.25 -0.09 -4.83
N GLU C 9 32.08 -1.31 -5.35
CA GLU C 9 32.94 -2.41 -4.94
C GLU C 9 34.38 -2.16 -5.38
N LEU C 10 34.57 -1.66 -6.59
CA LEU C 10 35.92 -1.35 -7.06
C LEU C 10 36.58 -0.32 -6.17
N GLN C 11 35.84 0.72 -5.78
CA GLN C 11 36.43 1.73 -4.92
CA GLN C 11 36.37 1.76 -4.89
C GLN C 11 36.70 1.19 -3.52
N ALA C 12 35.86 0.28 -3.03
CA ALA C 12 36.11 -0.34 -1.72
C ALA C 12 37.38 -1.18 -1.77
N LEU C 13 37.56 -1.96 -2.84
CA LEU C 13 38.78 -2.75 -2.97
C LEU C 13 40.01 -1.85 -3.03
N ARG C 14 39.88 -0.67 -3.66
CA ARG C 14 40.99 0.26 -3.69
C ARG C 14 41.32 0.78 -2.31
N ARG C 15 40.31 1.21 -1.55
CA ARG C 15 40.56 1.67 -0.19
C ARG C 15 41.23 0.60 0.64
N GLU C 16 40.86 -0.66 0.41
CA GLU C 16 41.38 -1.78 1.19
C GLU C 16 42.74 -2.26 0.71
N GLY C 17 43.30 -1.65 -0.33
CA GLY C 17 44.65 -1.92 -0.76
C GLY C 17 44.82 -3.05 -1.74
N PHE C 18 43.78 -3.43 -2.46
CA PHE C 18 43.94 -4.47 -3.48
C PHE C 18 44.68 -3.90 -4.68
N SER C 19 45.14 -4.81 -5.54
CA SER C 19 46.06 -4.50 -6.64
C SER C 19 45.67 -3.22 -7.37
N PRO C 20 46.47 -2.16 -7.26
CA PRO C 20 46.14 -0.92 -7.99
C PRO C 20 46.10 -1.10 -9.49
N GLU C 21 47.05 -1.83 -10.07
CA GLU C 21 47.06 -1.99 -11.52
C GLU C 21 45.84 -2.77 -12.00
N ARG C 22 45.47 -3.84 -11.29
CA ARG C 22 44.30 -4.61 -11.68
CA ARG C 22 44.30 -4.61 -11.67
C ARG C 22 43.03 -3.77 -11.55
N LEU C 23 42.92 -2.98 -10.48
CA LEU C 23 41.76 -2.13 -10.31
C LEU C 23 41.69 -1.06 -11.39
N ALA C 24 42.85 -0.50 -11.77
CA ALA C 24 42.86 0.51 -12.82
C ALA C 24 42.42 -0.09 -14.15
N ALA C 25 42.87 -1.31 -14.45
CA ALA C 25 42.46 -1.96 -15.70
C ALA C 25 40.97 -2.23 -15.71
N LEU C 26 40.43 -2.70 -14.58
CA LEU C 26 39.00 -2.95 -14.50
C LEU C 26 38.20 -1.65 -14.56
N GLU C 27 38.72 -0.58 -13.95
CA GLU C 27 38.00 0.69 -13.98
CA GLU C 27 38.02 0.69 -13.98
C GLU C 27 37.94 1.25 -15.40
N SER C 28 39.01 1.07 -16.18
CA SER C 28 38.97 1.51 -17.58
CA SER C 28 38.97 1.51 -17.58
C SER C 28 37.88 0.79 -18.35
N ARG C 29 37.76 -0.53 -18.14
CA ARG C 29 36.72 -1.28 -18.83
C ARG C 29 35.33 -0.92 -18.31
N LEU C 30 35.21 -0.65 -17.01
CA LEU C 30 33.93 -0.24 -16.46
C LEU C 30 33.51 1.11 -17.03
N GLN C 31 34.45 2.05 -17.15
CA GLN C 31 34.14 3.34 -17.75
C GLN C 31 33.66 3.17 -19.18
N ALA C 32 34.30 2.27 -19.94
CA ALA C 32 33.87 2.04 -21.31
C ALA C 32 32.45 1.49 -21.37
N LEU C 33 32.12 0.58 -20.44
CA LEU C 33 30.76 0.04 -20.41
C LEU C 33 29.75 1.11 -20.02
N GLU C 34 30.11 2.00 -19.09
CA GLU C 34 29.23 3.09 -18.73
C GLU C 34 28.88 3.94 -19.94
N ARG C 35 29.88 4.23 -20.78
CA ARG C 35 29.62 5.03 -21.98
C ARG C 35 28.67 4.31 -22.92
N ARG C 36 28.92 3.03 -23.19
CA ARG C 36 28.03 2.28 -24.06
C ARG C 36 26.64 2.15 -23.47
N LEU C 37 26.53 2.04 -22.14
CA LEU C 37 25.21 1.96 -21.52
C LEU C 37 24.44 3.26 -21.69
N ALA C 38 25.12 4.40 -21.51
CA ALA C 38 24.46 5.69 -21.71
C ALA C 38 24.01 5.85 -23.15
N ALA C 39 24.84 5.40 -24.10
CA ALA C 39 24.45 5.49 -25.51
C ALA C 39 23.25 4.61 -25.79
N LEU C 40 23.23 3.40 -25.25
CA LEU C 40 22.08 2.52 -25.41
C LEU C 40 20.82 3.14 -24.81
N ARG C 41 20.96 3.73 -23.62
CA ARG C 41 19.81 4.39 -23.00
CA ARG C 41 19.83 4.40 -22.99
C ARG C 41 19.27 5.51 -23.88
N SER C 42 20.17 6.26 -24.53
CA SER C 42 19.73 7.35 -25.39
CA SER C 42 19.72 7.35 -25.39
C SER C 42 19.01 6.82 -26.63
N ARG C 43 19.47 5.70 -27.18
CA ARG C 43 18.81 5.11 -28.33
C ARG C 43 17.40 4.63 -27.97
N LEU C 44 17.24 4.01 -26.81
CA LEU C 44 15.92 3.59 -26.36
C LEU C 44 15.01 4.80 -26.17
N GLN C 45 15.54 5.88 -25.60
CA GLN C 45 14.73 7.09 -25.42
CA GLN C 45 14.73 7.09 -25.42
C GLN C 45 14.32 7.67 -26.77
N ALA C 46 15.23 7.67 -27.74
CA ALA C 46 14.89 8.20 -29.06
C ALA C 46 13.82 7.37 -29.73
N LEU C 47 13.89 6.04 -29.58
CA LEU C 47 12.86 5.17 -30.14
C LEU C 47 11.52 5.38 -29.46
N ARG C 48 11.52 5.46 -28.12
CA ARG C 48 10.29 5.71 -27.37
C ARG C 48 9.67 7.04 -27.78
N GLY C 49 10.48 8.09 -27.90
CA GLY C 49 9.98 9.41 -28.22
C GLY C 49 9.48 9.55 -29.64
N NH2 C 50 9.99 8.72 -30.53
HN1 NH2 C 50 9.77 9.12 -31.36
HN2 NH2 C 50 10.48 7.89 -30.53
C ACE D 1 22.33 1.61 -14.94
O ACE D 1 23.45 1.17 -14.79
CH3 ACE D 1 22.11 3.08 -15.19
H1 ACE D 1 21.22 3.22 -15.75
H2 ACE D 1 22.94 3.47 -15.74
H3 ACE D 1 22.04 3.58 -14.27
N CYS D 2 21.22 0.85 -14.89
CA CYS D 2 21.31 -0.59 -14.66
C CYS D 2 20.74 -1.34 -15.86
N LEU D 3 21.48 -2.36 -16.30
CA LEU D 3 21.11 -3.09 -17.51
C LEU D 3 19.73 -3.71 -17.40
N ALA D 4 19.32 -4.12 -16.20
CA ALA D 4 17.98 -4.70 -16.05
C ALA D 4 16.90 -3.70 -16.44
N ALA D 5 17.08 -2.42 -16.09
CA ALA D 5 16.11 -1.41 -16.46
C ALA D 5 16.06 -1.21 -17.98
N LEU D 6 17.23 -1.22 -18.63
CA LEU D 6 17.26 -1.07 -20.08
C LEU D 6 16.61 -2.26 -20.76
N ARG D 7 16.85 -3.48 -20.26
CA ARG D 7 16.18 -4.64 -20.84
C ARG D 7 14.67 -4.53 -20.68
N SER D 8 14.21 -4.07 -19.51
CA SER D 8 12.78 -3.91 -19.30
CA SER D 8 12.78 -3.91 -19.30
C SER D 8 12.19 -2.90 -20.27
N GLU D 9 12.90 -1.78 -20.49
CA GLU D 9 12.40 -0.78 -21.42
CA GLU D 9 12.40 -0.78 -21.42
C GLU D 9 12.38 -1.31 -22.86
N LEU D 10 13.40 -2.08 -23.24
CA LEU D 10 13.42 -2.65 -24.58
C LEU D 10 12.25 -3.61 -24.78
N GLN D 11 12.00 -4.47 -23.80
CA GLN D 11 10.87 -5.40 -23.90
C GLN D 11 9.55 -4.65 -23.91
N ALA D 12 9.45 -3.54 -23.17
CA ALA D 12 8.22 -2.74 -23.20
C ALA D 12 7.99 -2.16 -24.59
N LEU D 13 9.05 -1.65 -25.23
CA LEU D 13 8.90 -1.11 -26.58
C LEU D 13 8.47 -2.21 -27.55
N ARG D 14 8.98 -3.43 -27.35
CA ARG D 14 8.55 -4.53 -28.21
C ARG D 14 7.07 -4.85 -28.00
N ARG D 15 6.64 -4.96 -26.74
CA ARG D 15 5.22 -5.20 -26.47
C ARG D 15 4.35 -4.15 -27.13
N GLU D 16 4.83 -2.91 -27.17
CA GLU D 16 4.04 -1.79 -27.66
C GLU D 16 4.09 -1.65 -29.18
N GLY D 17 4.85 -2.48 -29.87
CA GLY D 17 4.82 -2.47 -31.32
C GLY D 17 5.79 -1.51 -31.97
N PHE D 18 6.86 -1.11 -31.28
CA PHE D 18 7.86 -0.27 -31.91
C PHE D 18 8.70 -1.08 -32.91
N SER D 19 9.46 -0.35 -33.73
CA SER D 19 10.22 -0.90 -34.85
C SER D 19 10.98 -2.17 -34.49
N PRO D 20 10.62 -3.33 -35.03
CA PRO D 20 11.40 -4.54 -34.75
C PRO D 20 12.85 -4.44 -35.18
N GLU D 21 13.13 -3.70 -36.26
CA GLU D 21 14.50 -3.56 -36.73
CA GLU D 21 14.50 -3.57 -36.73
C GLU D 21 15.37 -2.86 -35.69
N GLU D 22 14.91 -1.73 -35.18
CA GLU D 22 15.69 -1.00 -34.19
C GLU D 22 15.82 -1.81 -32.91
N LEU D 23 14.75 -2.48 -32.49
CA LEU D 23 14.79 -3.22 -31.23
C LEU D 23 15.77 -4.39 -31.32
N ALA D 24 15.83 -5.06 -32.47
CA ALA D 24 16.78 -6.16 -32.63
C ALA D 24 18.21 -5.67 -32.55
N ALA D 25 18.50 -4.51 -33.17
CA ALA D 25 19.84 -3.96 -33.11
C ALA D 25 20.21 -3.56 -31.68
N LEU D 26 19.28 -2.94 -30.96
CA LEU D 26 19.55 -2.55 -29.58
C LEU D 26 19.65 -3.77 -28.69
N GLU D 27 18.86 -4.82 -28.96
CA GLU D 27 18.96 -6.03 -28.15
CA GLU D 27 18.95 -6.05 -28.17
C GLU D 27 20.32 -6.69 -28.29
N SER D 28 20.89 -6.70 -29.50
CA SER D 28 22.21 -7.28 -29.69
CA SER D 28 22.21 -7.27 -29.69
C SER D 28 23.26 -6.52 -28.90
N GLU D 29 23.21 -5.20 -28.92
CA GLU D 29 24.15 -4.39 -28.14
C GLU D 29 23.95 -4.63 -26.65
N LEU D 30 22.69 -4.72 -26.22
CA LEU D 30 22.42 -4.95 -24.80
C LEU D 30 22.99 -6.28 -24.34
N GLN D 31 22.81 -7.34 -25.15
CA GLN D 31 23.36 -8.64 -24.77
C GLN D 31 24.88 -8.60 -24.69
N ALA D 32 25.52 -7.83 -25.56
CA ALA D 32 26.97 -7.68 -25.48
C ALA D 32 27.38 -6.99 -24.19
N LEU D 33 26.63 -5.96 -23.78
CA LEU D 33 26.96 -5.27 -22.54
C LEU D 33 26.73 -6.18 -21.33
N GLU D 34 25.69 -7.01 -21.37
CA GLU D 34 25.44 -7.93 -20.28
CA GLU D 34 25.44 -7.93 -20.28
C GLU D 34 26.58 -8.93 -20.12
N ARG D 35 27.11 -9.43 -21.24
CA ARG D 35 28.23 -10.37 -21.17
C ARG D 35 29.46 -9.70 -20.57
N GLU D 36 29.76 -8.47 -21.00
CA GLU D 36 30.96 -7.80 -20.51
C GLU D 36 30.83 -7.39 -19.06
N LEU D 37 29.62 -7.01 -18.62
CA LEU D 37 29.42 -6.75 -17.19
C LEU D 37 29.69 -8.00 -16.39
N ALA D 38 29.13 -9.14 -16.82
CA ALA D 38 29.38 -10.40 -16.12
C ALA D 38 30.87 -10.69 -16.02
N ALA D 39 31.62 -10.38 -17.08
CA ALA D 39 33.06 -10.60 -17.04
C ALA D 39 33.72 -9.70 -16.00
N LEU D 40 33.37 -8.41 -15.99
CA LEU D 40 33.89 -7.51 -14.98
C LEU D 40 33.50 -7.99 -13.58
N ARG D 41 32.25 -8.41 -13.40
CA ARG D 41 31.81 -8.88 -12.10
C ARG D 41 32.68 -10.05 -11.63
N SER D 42 32.96 -11.00 -12.53
CA SER D 42 33.75 -12.15 -12.16
CA SER D 42 33.75 -12.15 -12.16
CA SER D 42 33.76 -12.16 -12.19
C SER D 42 35.17 -11.75 -11.79
N GLU D 43 35.76 -10.83 -12.55
CA GLU D 43 37.14 -10.42 -12.28
CA GLU D 43 37.14 -10.44 -12.28
C GLU D 43 37.26 -9.68 -10.96
N LEU D 44 36.24 -8.89 -10.61
CA LEU D 44 36.27 -8.22 -9.31
C LEU D 44 36.19 -9.22 -8.17
N GLN D 45 35.41 -10.29 -8.35
CA GLN D 45 35.36 -11.34 -7.35
C GLN D 45 36.67 -12.09 -7.26
N ALA D 46 37.31 -12.36 -8.40
CA ALA D 46 38.60 -13.04 -8.39
C ALA D 46 39.63 -12.20 -7.65
N LEU D 47 39.60 -10.88 -7.83
CA LEU D 47 40.51 -10.00 -7.11
C LEU D 47 40.20 -10.00 -5.62
N ARG D 48 38.92 -9.90 -5.26
CA ARG D 48 38.53 -9.91 -3.86
C ARG D 48 38.95 -11.21 -3.19
N GLY D 49 38.75 -12.34 -3.87
CA GLY D 49 39.07 -13.65 -3.29
C GLY D 49 40.56 -13.89 -3.14
N NH2 D 50 41.35 -13.18 -3.94
HN1 NH2 D 50 42.21 -13.54 -3.75
HN2 NH2 D 50 41.26 -12.52 -4.62
C ACE E 1 -22.90 -1.38 15.14
O ACE E 1 -22.02 -0.54 15.02
CH3 ACE E 1 -22.81 -2.41 16.25
H1 ACE E 1 -21.88 -2.90 16.20
H2 ACE E 1 -22.92 -1.94 17.18
H3 ACE E 1 -23.60 -3.13 16.12
N ASN E 2 -23.97 -1.45 14.35
CA ASN E 2 -24.17 -0.51 13.25
C ASN E 2 -25.66 -0.37 12.97
N LEU E 3 -26.22 0.81 13.28
CA LEU E 3 -27.66 0.98 13.16
C LEU E 3 -28.11 1.01 11.71
N ALA E 4 -27.28 1.53 10.80
CA ALA E 4 -27.65 1.52 9.38
C ALA E 4 -27.84 0.09 8.89
N ALA E 5 -26.97 -0.82 9.33
CA ALA E 5 -27.11 -2.22 8.95
C ALA E 5 -28.37 -2.83 9.53
N LEU E 6 -28.71 -2.47 10.77
CA LEU E 6 -29.93 -2.99 11.38
C LEU E 6 -31.18 -2.48 10.67
N ARG E 7 -31.19 -1.20 10.29
CA ARG E 7 -32.33 -0.68 9.54
C ARG E 7 -32.47 -1.37 8.20
N SER E 8 -31.34 -1.65 7.54
CA SER E 8 -31.39 -2.35 6.25
C SER E 8 -31.92 -3.77 6.43
N GLU E 9 -31.50 -4.46 7.50
CA GLU E 9 -32.00 -5.81 7.74
C GLU E 9 -33.49 -5.79 8.06
N LEU E 10 -33.94 -4.83 8.86
CA LEU E 10 -35.35 -4.73 9.17
C LEU E 10 -36.18 -4.54 7.91
N GLN E 11 -35.74 -3.64 7.04
CA GLN E 11 -36.47 -3.42 5.79
C GLN E 11 -36.41 -4.62 4.88
N ALA E 12 -35.28 -5.36 4.88
CA ALA E 12 -35.20 -6.57 4.09
C ALA E 12 -36.20 -7.61 4.58
N LEU E 13 -36.31 -7.78 5.90
CA LEU E 13 -37.27 -8.73 6.44
C LEU E 13 -38.69 -8.34 6.08
N ARG E 14 -38.98 -7.03 6.05
CA ARG E 14 -40.31 -6.59 5.64
C ARG E 14 -40.57 -6.93 4.17
N ARG E 15 -39.60 -6.61 3.30
CA ARG E 15 -39.76 -6.93 1.88
C ARG E 15 -40.02 -8.42 1.66
N GLU E 16 -39.41 -9.27 2.48
CA GLU E 16 -39.52 -10.70 2.29
CA GLU E 16 -39.51 -10.71 2.30
C GLU E 16 -40.76 -11.31 2.93
N GLY E 17 -41.54 -10.53 3.68
CA GLY E 17 -42.79 -11.01 4.24
C GLY E 17 -42.73 -11.52 5.66
N PHE E 18 -41.75 -11.11 6.45
CA PHE E 18 -41.70 -11.50 7.86
C PHE E 18 -42.74 -10.73 8.67
N SER E 19 -42.95 -11.20 9.91
CA SER E 19 -44.00 -10.73 10.83
C SER E 19 -44.11 -9.22 10.89
N PRO E 20 -45.21 -8.63 10.41
CA PRO E 20 -45.37 -7.17 10.51
C PRO E 20 -45.38 -6.64 11.94
N GLU E 21 -46.04 -7.34 12.86
CA GLU E 21 -46.10 -6.84 14.24
CA GLU E 21 -46.10 -6.85 14.25
C GLU E 21 -44.71 -6.76 14.86
N ARG E 22 -43.89 -7.79 14.64
CA ARG E 22 -42.53 -7.79 15.19
CA ARG E 22 -42.54 -7.76 15.22
C ARG E 22 -41.68 -6.69 14.56
N LEU E 23 -41.78 -6.54 13.24
CA LEU E 23 -40.99 -5.53 12.56
C LEU E 23 -41.38 -4.13 13.01
N ALA E 24 -42.67 -3.89 13.23
CA ALA E 24 -43.11 -2.57 13.68
C ALA E 24 -42.56 -2.25 15.06
N ALA E 25 -42.59 -3.23 15.97
CA ALA E 25 -42.06 -3.00 17.32
C ALA E 25 -40.56 -2.75 17.29
N LEU E 26 -39.82 -3.51 16.50
CA LEU E 26 -38.39 -3.31 16.41
C LEU E 26 -38.04 -1.99 15.73
N GLU E 27 -38.88 -1.55 14.78
CA GLU E 27 -38.59 -0.32 14.07
C GLU E 27 -38.74 0.89 14.98
N SER E 28 -39.75 0.88 15.85
CA SER E 28 -39.92 2.00 16.79
CA SER E 28 -39.92 2.00 16.79
C SER E 28 -38.75 2.10 17.75
N ARG E 29 -38.27 0.96 18.25
CA ARG E 29 -37.11 0.98 19.13
C ARG E 29 -35.86 1.40 18.39
N LEU E 30 -35.74 1.00 17.11
CA LEU E 30 -34.60 1.42 16.31
C LEU E 30 -34.59 2.92 16.10
N GLN E 31 -35.75 3.52 15.81
CA GLN E 31 -35.81 4.96 15.64
C GLN E 31 -35.35 5.68 16.90
N ALA E 32 -35.75 5.18 18.07
CA ALA E 32 -35.33 5.80 19.32
C ALA E 32 -33.81 5.72 19.48
N LEU E 33 -33.22 4.59 19.12
CA LEU E 33 -31.76 4.46 19.21
C LEU E 33 -31.06 5.38 18.23
N GLU E 34 -31.63 5.57 17.04
CA GLU E 34 -31.02 6.46 16.06
C GLU E 34 -31.02 7.90 16.55
N ARG E 35 -32.08 8.32 17.23
CA ARG E 35 -32.13 9.67 17.78
C ARG E 35 -31.09 9.84 18.87
N ARG E 36 -31.03 8.91 19.82
CA ARG E 36 -30.04 9.00 20.89
C ARG E 36 -28.63 8.95 20.34
N LEU E 37 -28.41 8.16 19.29
CA LEU E 37 -27.09 8.10 18.67
C LEU E 37 -26.69 9.44 18.10
N ALA E 38 -27.60 10.08 17.37
CA ALA E 38 -27.29 11.38 16.76
C ALA E 38 -26.96 12.41 17.84
N ALA E 39 -27.70 12.40 18.95
CA ALA E 39 -27.41 13.33 20.03
C ALA E 39 -26.05 13.04 20.65
N LEU E 40 -25.68 11.76 20.74
CA LEU E 40 -24.37 11.41 21.30
CA LEU E 40 -24.38 11.42 21.31
C LEU E 40 -23.24 11.83 20.38
N ARG E 41 -23.40 11.59 19.06
CA ARG E 41 -22.35 11.96 18.13
CA ARG E 41 -22.33 11.95 18.15
CA ARG E 41 -22.37 11.97 18.09
C ARG E 41 -22.09 13.47 18.16
N SER E 42 -23.15 14.27 18.28
CA SER E 42 -22.97 15.71 18.31
C SER E 42 -22.20 16.14 19.55
N ARG E 43 -22.50 15.55 20.71
CA ARG E 43 -21.77 15.89 21.92
CA ARG E 43 -21.77 15.90 21.92
C ARG E 43 -20.31 15.51 21.81
N LEU E 44 -20.01 14.40 21.13
CA LEU E 44 -18.62 13.99 20.94
C LEU E 44 -17.87 15.01 20.10
N GLN E 45 -18.40 15.31 18.91
CA GLN E 45 -17.76 16.28 18.03
C GLN E 45 -17.61 17.63 18.71
N ALA E 46 -18.55 17.99 19.59
CA ALA E 46 -18.42 19.22 20.36
C ALA E 46 -17.26 19.13 21.34
N LEU E 47 -17.09 17.96 21.97
CA LEU E 47 -15.97 17.77 22.90
C LEU E 47 -14.64 17.81 22.16
N ARG E 48 -14.53 17.12 21.03
CA ARG E 48 -13.29 17.14 20.25
C ARG E 48 -12.97 18.55 19.77
N GLY E 49 -13.98 19.26 19.27
CA GLY E 49 -13.77 20.60 18.73
C GLY E 49 -13.40 21.63 19.76
N NH2 E 50 -13.80 21.39 21.01
HN1 NH2 E 50 -13.42 22.14 21.46
HN2 NH2 E 50 -14.14 20.66 21.51
C ACE F 1 -20.96 4.68 12.80
O ACE F 1 -21.85 4.46 13.62
CH3 ACE F 1 -20.96 5.97 12.02
H1 ACE F 1 -21.87 6.07 11.51
H2 ACE F 1 -20.83 6.78 12.69
H3 ACE F 1 -20.15 5.95 11.32
N CYS F 2 -19.98 3.82 12.54
CA CYS F 2 -19.89 2.54 13.24
C CYS F 2 -19.88 2.84 14.73
N LEU F 3 -20.79 2.22 15.49
CA LEU F 3 -20.82 2.45 16.93
C LEU F 3 -19.43 2.26 17.53
N ALA F 4 -18.64 1.36 16.95
CA ALA F 4 -17.24 1.21 17.36
C ALA F 4 -16.47 2.51 17.15
N ALA F 5 -16.80 3.24 16.08
CA ALA F 5 -16.11 4.50 15.81
C ALA F 5 -16.34 5.50 16.94
N LEU F 6 -17.55 5.54 17.48
CA LEU F 6 -17.80 6.41 18.63
C LEU F 6 -17.01 5.94 19.83
N ARG F 7 -17.01 4.63 20.09
CA ARG F 7 -16.20 4.10 21.17
CA ARG F 7 -16.19 4.08 21.16
C ARG F 7 -14.72 4.44 20.95
N SER F 8 -14.23 4.30 19.72
CA SER F 8 -12.82 4.58 19.44
CA SER F 8 -12.82 4.58 19.44
C SER F 8 -12.52 6.06 19.65
N GLU F 9 -13.42 6.95 19.25
CA GLU F 9 -13.18 8.38 19.44
C GLU F 9 -13.20 8.74 20.91
N LEU F 10 -14.16 8.19 21.66
CA LEU F 10 -14.19 8.43 23.11
C LEU F 10 -12.91 7.94 23.76
N GLN F 11 -12.42 6.76 23.35
CA GLN F 11 -11.17 6.24 23.89
C GLN F 11 -10.01 7.16 23.56
N ALA F 12 -9.99 7.70 22.33
CA ALA F 12 -8.91 8.61 21.94
C ALA F 12 -8.98 9.91 22.74
N LEU F 13 -10.18 10.46 22.90
CA LEU F 13 -10.31 11.70 23.67
C LEU F 13 -9.84 11.51 25.12
N ARG F 14 -10.11 10.34 25.69
CA ARG F 14 -9.63 10.08 27.05
C ARG F 14 -8.11 10.02 27.08
N ARG F 15 -7.50 9.27 26.15
CA ARG F 15 -6.04 9.23 26.08
C ARG F 15 -5.46 10.62 25.88
N GLU F 16 -6.17 11.48 25.16
CA GLU F 16 -5.68 12.82 24.85
C GLU F 16 -5.88 13.81 25.99
N GLY F 17 -6.48 13.40 27.10
CA GLY F 17 -6.58 14.26 28.26
C GLY F 17 -7.80 15.16 28.28
N PHE F 18 -8.85 14.83 27.55
CA PHE F 18 -10.08 15.62 27.62
C PHE F 18 -10.82 15.36 28.94
N SER F 19 -11.76 16.26 29.24
CA SER F 19 -12.47 16.29 30.52
C SER F 19 -12.97 14.91 30.95
N PRO F 20 -12.44 14.34 32.03
CA PRO F 20 -12.95 13.04 32.49
C PRO F 20 -14.42 13.09 32.88
N GLU F 21 -14.89 14.19 33.46
CA GLU F 21 -16.29 14.29 33.86
CA GLU F 21 -16.29 14.27 33.85
C GLU F 21 -17.21 14.17 32.65
N GLU F 22 -16.89 14.86 31.56
CA GLU F 22 -17.72 14.80 30.37
C GLU F 22 -17.59 13.45 29.67
N LEU F 23 -16.37 12.90 29.63
CA LEU F 23 -16.19 11.59 29.01
C LEU F 23 -16.97 10.51 29.74
N ALA F 24 -17.03 10.59 31.08
CA ALA F 24 -17.77 9.60 31.83
C ALA F 24 -19.25 9.61 31.50
N ALA F 25 -19.83 10.80 31.35
CA ALA F 25 -21.24 10.90 31.00
C ALA F 25 -21.50 10.34 29.60
N LEU F 26 -20.62 10.66 28.65
CA LEU F 26 -20.80 10.15 27.29
C LEU F 26 -20.55 8.65 27.23
N GLU F 27 -19.54 8.17 27.96
CA GLU F 27 -19.27 6.73 27.98
C GLU F 27 -20.45 5.96 28.58
N SER F 28 -21.10 6.53 29.60
CA SER F 28 -22.26 5.88 30.19
C SER F 28 -23.40 5.76 29.20
N GLU F 29 -23.72 6.85 28.51
CA GLU F 29 -24.81 6.80 27.52
CA GLU F 29 -24.80 6.81 27.52
C GLU F 29 -24.44 5.87 26.37
N LEU F 30 -23.17 5.85 25.97
CA LEU F 30 -22.76 4.95 24.90
C LEU F 30 -22.93 3.50 25.30
N GLN F 31 -22.54 3.16 26.54
CA GLN F 31 -22.70 1.78 27.01
CA GLN F 31 -22.69 1.77 27.00
C GLN F 31 -24.15 1.36 26.97
N ALA F 32 -25.07 2.26 27.32
CA ALA F 32 -26.48 1.93 27.28
C ALA F 32 -26.96 1.72 25.84
N LEU F 33 -26.49 2.54 24.91
CA LEU F 33 -26.87 2.38 23.51
C LEU F 33 -26.32 1.08 22.94
N GLU F 34 -25.07 0.74 23.26
CA GLU F 34 -24.54 -0.55 22.86
C GLU F 34 -25.36 -1.69 23.44
N ARG F 35 -25.88 -1.50 24.65
CA ARG F 35 -26.72 -2.53 25.27
CA ARG F 35 -26.73 -2.51 25.29
C ARG F 35 -28.00 -2.75 24.48
N GLU F 36 -28.68 -1.66 24.10
CA GLU F 36 -29.93 -1.80 23.36
C GLU F 36 -29.67 -2.26 21.92
N LEU F 37 -28.57 -1.82 21.31
CA LEU F 37 -28.27 -2.26 19.96
C LEU F 37 -28.09 -3.77 19.90
N ALA F 38 -27.27 -4.32 20.81
CA ALA F 38 -27.06 -5.77 20.81
C ALA F 38 -28.39 -6.50 20.98
N ALA F 39 -29.28 -5.99 21.83
CA ALA F 39 -30.57 -6.62 22.00
C ALA F 39 -31.39 -6.54 20.72
N LEU F 40 -31.34 -5.40 20.03
CA LEU F 40 -32.07 -5.26 18.77
C LEU F 40 -31.51 -6.21 17.72
N ARG F 41 -30.19 -6.24 17.55
CA ARG F 41 -29.59 -7.15 16.59
CA ARG F 41 -29.58 -7.15 16.60
C ARG F 41 -29.96 -8.59 16.89
N SER F 42 -30.03 -8.95 18.17
CA SER F 42 -30.40 -10.31 18.55
C SER F 42 -31.83 -10.63 18.14
N GLU F 43 -32.75 -9.69 18.38
CA GLU F 43 -34.15 -9.95 18.02
CA GLU F 43 -34.15 -9.94 18.02
C GLU F 43 -34.34 -10.01 16.51
N LEU F 44 -33.59 -9.21 15.75
CA LEU F 44 -33.68 -9.29 14.30
C LEU F 44 -33.15 -10.62 13.80
N GLN F 45 -32.07 -11.13 14.40
CA GLN F 45 -31.56 -12.44 14.02
C GLN F 45 -32.55 -13.54 14.36
N ALA F 46 -33.21 -13.45 15.51
CA ALA F 46 -34.21 -14.44 15.88
C ALA F 46 -35.37 -14.43 14.88
N LEU F 47 -35.78 -13.24 14.45
CA LEU F 47 -36.85 -13.15 13.46
C LEU F 47 -36.40 -13.72 12.12
N ARG F 48 -35.19 -13.37 11.68
CA ARG F 48 -34.66 -13.91 10.43
C ARG F 48 -34.52 -15.42 10.49
N GLY F 49 -34.02 -15.95 11.60
CA GLY F 49 -33.78 -17.39 11.73
C GLY F 49 -35.05 -18.20 11.81
N NH2 F 50 -36.14 -17.55 12.21
HN1 NH2 F 50 -36.41 -16.67 12.44
HN2 NH2 F 50 -36.77 -18.27 12.26
C ACE G 1 16.28 3.10 -6.91
O ACE G 1 15.92 1.97 -7.21
CH3 ACE G 1 15.39 4.28 -7.20
H1 ACE G 1 15.18 4.34 -8.23
H2 ACE G 1 14.48 4.18 -6.66
H3 ACE G 1 15.87 5.18 -6.88
N ASN G 2 17.45 3.36 -6.35
CA ASN G 2 18.43 2.32 -6.04
C ASN G 2 18.89 2.47 -4.59
N LEU G 3 18.32 1.66 -3.70
CA LEU G 3 18.63 1.81 -2.29
C LEU G 3 20.06 1.41 -1.99
N ALA G 4 20.62 0.46 -2.75
CA ALA G 4 22.01 0.09 -2.56
C ALA G 4 22.91 1.31 -2.79
N ALA G 5 22.57 2.14 -3.78
CA ALA G 5 23.33 3.35 -4.01
C ALA G 5 23.20 4.32 -2.84
N LEU G 6 22.00 4.43 -2.27
CA LEU G 6 21.80 5.30 -1.12
C LEU G 6 22.59 4.78 0.08
N ARG G 7 22.63 3.46 0.27
CA ARG G 7 23.39 2.89 1.37
C ARG G 7 24.88 3.18 1.21
N SER G 8 25.41 3.02 0.00
CA SER G 8 26.82 3.30 -0.23
CA SER G 8 26.83 3.29 -0.22
C SER G 8 27.14 4.76 0.02
N GLU G 9 26.25 5.66 -0.37
CA GLU G 9 26.48 7.09 -0.14
C GLU G 9 26.43 7.42 1.34
N LEU G 10 25.47 6.86 2.08
CA LEU G 10 25.43 7.07 3.52
C LEU G 10 26.72 6.57 4.18
N GLN G 11 27.19 5.39 3.77
CA GLN G 11 28.43 4.87 4.34
C GLN G 11 29.60 5.79 4.04
N ALA G 12 29.63 6.35 2.83
CA ALA G 12 30.71 7.26 2.47
C ALA G 12 30.63 8.55 3.27
N LEU G 13 29.42 9.10 3.44
CA LEU G 13 29.29 10.34 4.20
C LEU G 13 29.72 10.14 5.64
N ARG G 14 29.46 8.97 6.23
CA ARG G 14 29.91 8.71 7.58
C ARG G 14 31.44 8.64 7.65
N ARG G 15 32.06 7.87 6.74
CA ARG G 15 33.52 7.83 6.72
C ARG G 15 34.11 9.21 6.52
N GLU G 16 33.40 10.08 5.80
CA GLU G 16 33.90 11.41 5.48
C GLU G 16 33.71 12.42 6.60
N GLY G 17 33.11 12.02 7.72
CA GLY G 17 32.99 12.90 8.86
C GLY G 17 31.79 13.82 8.85
N PHE G 18 30.74 13.50 8.10
CA PHE G 18 29.53 14.29 8.14
C PHE G 18 28.78 14.06 9.44
N SER G 19 27.84 14.98 9.73
CA SER G 19 27.11 15.02 10.99
C SER G 19 26.60 13.64 11.42
N PRO G 20 27.12 13.09 12.52
CA PRO G 20 26.60 11.78 12.97
C PRO G 20 25.11 11.80 13.29
N GLU G 21 24.60 12.89 13.87
CA GLU G 21 23.18 12.96 14.20
CA GLU G 21 23.18 12.95 14.20
C GLU G 21 22.33 12.89 12.94
N ARG G 22 22.69 13.68 11.92
CA ARG G 22 21.92 13.65 10.68
CA ARG G 22 21.94 13.66 10.67
C ARG G 22 22.04 12.29 10.00
N LEU G 23 23.23 11.68 10.04
CA LEU G 23 23.42 10.37 9.43
C LEU G 23 22.62 9.28 10.15
N ALA G 24 22.54 9.37 11.48
CA ALA G 24 21.81 8.36 12.24
C ALA G 24 20.34 8.36 11.86
N ALA G 25 19.75 9.54 11.69
CA ALA G 25 18.35 9.61 11.31
C ALA G 25 18.12 9.04 9.91
N LEU G 26 19.02 9.37 8.97
CA LEU G 26 18.88 8.85 7.61
C LEU G 26 19.14 7.35 7.57
N GLU G 27 20.09 6.86 8.36
CA GLU G 27 20.37 5.43 8.38
C GLU G 27 19.17 4.65 8.93
N SER G 28 18.52 5.17 9.96
CA SER G 28 17.33 4.50 10.49
CA SER G 28 17.33 4.50 10.49
C SER G 28 16.22 4.47 9.46
N ARG G 29 16.03 5.57 8.73
CA ARG G 29 15.01 5.60 7.68
C ARG G 29 15.35 4.63 6.56
N LEU G 30 16.62 4.57 6.16
CA LEU G 30 17.02 3.67 5.08
C LEU G 30 16.83 2.21 5.49
N GLN G 31 17.19 1.88 6.73
CA GLN G 31 17.02 0.51 7.19
C GLN G 31 15.56 0.07 7.10
N ALA G 32 14.64 0.94 7.50
CA ALA G 32 13.22 0.60 7.42
C ALA G 32 12.79 0.42 5.96
N LEU G 33 13.26 1.29 5.06
CA LEU G 33 12.89 1.16 3.66
C LEU G 33 13.47 -0.11 3.05
N GLU G 34 14.69 -0.50 3.47
CA GLU G 34 15.26 -1.74 2.99
C GLU G 34 14.43 -2.93 3.42
N ARG G 35 13.96 -2.93 4.66
CA ARG G 35 13.10 -4.02 5.13
CA ARG G 35 13.10 -4.02 5.13
C ARG G 35 11.79 -4.06 4.36
N ARG G 36 11.20 -2.88 4.10
CA ARG G 36 9.95 -2.84 3.36
C ARG G 36 10.14 -3.29 1.91
N LEU G 37 11.27 -2.91 1.30
CA LEU G 37 11.54 -3.36 -0.06
C LEU G 37 11.72 -4.87 -0.12
N ALA G 38 12.44 -5.44 0.86
CA ALA G 38 12.62 -6.88 0.89
C ALA G 38 11.29 -7.60 1.06
N ALA G 39 10.41 -7.06 1.90
CA ALA G 39 9.10 -7.68 2.09
C ALA G 39 8.27 -7.61 0.80
N LEU G 40 8.31 -6.48 0.12
CA LEU G 40 7.60 -6.36 -1.15
C LEU G 40 8.15 -7.34 -2.18
N ARG G 41 9.48 -7.42 -2.29
CA ARG G 41 10.08 -8.38 -3.22
CA ARG G 41 10.09 -8.38 -3.21
C ARG G 41 9.62 -9.80 -2.91
N SER G 42 9.59 -10.17 -1.62
CA SER G 42 9.17 -11.52 -1.26
CA SER G 42 9.17 -11.52 -1.26
C SER G 42 7.72 -11.78 -1.65
N ARG G 43 6.85 -10.78 -1.46
CA ARG G 43 5.45 -10.95 -1.82
C ARG G 43 5.30 -11.13 -3.32
N LEU G 44 6.04 -10.36 -4.11
CA LEU G 44 5.97 -10.50 -5.56
C LEU G 44 6.50 -11.86 -6.00
N GLN G 45 7.58 -12.34 -5.38
CA GLN G 45 8.11 -13.65 -5.71
C GLN G 45 7.11 -14.75 -5.38
N ALA G 46 6.42 -14.62 -4.25
CA ALA G 46 5.44 -15.63 -3.86
C ALA G 46 4.26 -15.65 -4.83
N LEU G 47 3.82 -14.48 -5.28
CA LEU G 47 2.74 -14.42 -6.26
C LEU G 47 3.18 -15.02 -7.58
N ARG G 48 4.39 -14.68 -8.04
CA ARG G 48 4.92 -15.24 -9.27
C ARG G 48 5.05 -16.76 -9.18
N GLY G 49 5.55 -17.26 -8.06
CA GLY G 49 5.78 -18.69 -7.88
C GLY G 49 4.51 -19.51 -7.76
N NH2 G 50 3.42 -18.85 -7.41
HN1 NH2 G 50 2.79 -19.55 -7.24
HN2 NH2 G 50 3.18 -17.94 -7.22
C ACE H 1 17.01 -1.70 -5.07
O ACE H 1 16.80 -0.50 -4.97
CH3 ACE H 1 17.61 -2.45 -3.91
H1 ACE H 1 18.54 -2.02 -3.65
H2 ACE H 1 17.76 -3.46 -4.20
H3 ACE H 1 16.95 -2.41 -3.09
N CYS H 2 16.73 -2.39 -6.17
CA CYS H 2 16.16 -1.76 -7.34
C CYS H 2 14.63 -1.74 -7.27
N LEU H 3 14.07 -0.58 -6.91
CA LEU H 3 12.62 -0.43 -6.88
C LEU H 3 12.03 -0.50 -8.29
N ALA H 4 12.78 -0.04 -9.29
CA ALA H 4 12.30 -0.11 -10.66
C ALA H 4 12.06 -1.56 -11.07
N ALA H 5 12.91 -2.48 -10.62
CA ALA H 5 12.72 -3.89 -10.93
C ALA H 5 11.43 -4.41 -10.31
N LEU H 6 11.12 -3.98 -9.10
CA LEU H 6 9.89 -4.42 -8.45
C LEU H 6 8.65 -3.89 -9.18
N ARG H 7 8.70 -2.63 -9.63
CA ARG H 7 7.58 -2.10 -10.41
C ARG H 7 7.41 -2.89 -11.71
N SER H 8 8.51 -3.18 -12.40
CA SER H 8 8.42 -3.93 -13.64
CA SER H 8 8.42 -3.93 -13.64
C SER H 8 7.78 -5.30 -13.41
N GLU H 9 8.17 -5.98 -12.33
CA GLU H 9 7.62 -7.29 -12.03
C GLU H 9 6.14 -7.20 -11.67
N LEU H 10 5.76 -6.19 -10.88
CA LEU H 10 4.35 -6.03 -10.53
C LEU H 10 3.49 -5.83 -11.77
N GLN H 11 3.92 -4.93 -12.66
CA GLN H 11 3.15 -4.70 -13.88
C GLN H 11 3.16 -5.93 -14.79
N ALA H 12 4.26 -6.68 -14.80
CA ALA H 12 4.30 -7.90 -15.60
C ALA H 12 3.30 -8.93 -15.07
N LEU H 13 3.22 -9.08 -13.75
CA LEU H 13 2.26 -10.01 -13.17
C LEU H 13 0.83 -9.59 -13.49
N ARG H 14 0.57 -8.28 -13.52
CA ARG H 14 -0.75 -7.80 -13.91
C ARG H 14 -1.05 -8.14 -15.36
N ARG H 15 -0.12 -7.84 -16.26
CA ARG H 15 -0.30 -8.16 -17.67
C ARG H 15 -0.57 -9.64 -17.88
N GLU H 16 0.08 -10.50 -17.09
CA GLU H 16 -0.06 -11.94 -17.27
CA GLU H 16 -0.04 -11.95 -17.25
C GLU H 16 -1.32 -12.51 -16.64
N GLY H 17 -2.06 -11.72 -15.86
CA GLY H 17 -3.30 -12.17 -15.30
C GLY H 17 -3.24 -12.71 -13.88
N PHE H 18 -2.23 -12.33 -13.10
CA PHE H 18 -2.15 -12.74 -11.71
C PHE H 18 -3.16 -11.95 -10.85
N SER H 19 -3.35 -12.43 -9.61
CA SER H 19 -4.38 -11.95 -8.69
C SER H 19 -4.47 -10.43 -8.61
N PRO H 20 -5.56 -9.82 -9.10
CA PRO H 20 -5.69 -8.35 -8.99
C PRO H 20 -5.72 -7.84 -7.56
N GLU H 21 -6.38 -8.56 -6.64
CA GLU H 21 -6.48 -8.08 -5.27
CA GLU H 21 -6.48 -8.10 -5.26
CA GLU H 21 -6.48 -8.08 -5.26
C GLU H 21 -5.10 -8.00 -4.62
N GLU H 22 -4.27 -9.01 -4.81
CA GLU H 22 -2.93 -8.98 -4.24
C GLU H 22 -2.08 -7.92 -4.91
N LEU H 23 -2.18 -7.79 -6.23
CA LEU H 23 -1.39 -6.78 -6.94
C LEU H 23 -1.77 -5.37 -6.52
N ALA H 24 -3.05 -5.13 -6.27
CA ALA H 24 -3.47 -3.80 -5.85
C ALA H 24 -2.87 -3.45 -4.48
N ALA H 25 -2.87 -4.40 -3.56
CA ALA H 25 -2.28 -4.16 -2.24
C ALA H 25 -0.78 -3.93 -2.35
N LEU H 26 -0.10 -4.71 -3.19
CA LEU H 26 1.34 -4.53 -3.35
C LEU H 26 1.66 -3.22 -4.07
N GLU H 27 0.80 -2.80 -5.00
CA GLU H 27 1.03 -1.55 -5.71
CA GLU H 27 1.06 -1.54 -5.70
C GLU H 27 0.94 -0.35 -4.75
N SER H 28 0.02 -0.42 -3.78
CA SER H 28 -0.07 0.65 -2.79
CA SER H 28 -0.07 0.65 -2.81
C SER H 28 1.24 0.80 -2.04
N GLU H 29 1.87 -0.31 -1.69
CA GLU H 29 3.14 -0.25 -0.97
C GLU H 29 4.29 0.17 -1.89
N LEU H 30 4.27 -0.31 -3.14
CA LEU H 30 5.26 0.13 -4.12
C LEU H 30 5.23 1.64 -4.27
N GLN H 31 4.05 2.22 -4.47
CA GLN H 31 3.93 3.66 -4.62
C GLN H 31 4.48 4.38 -3.39
N ALA H 32 4.17 3.87 -2.20
CA ALA H 32 4.66 4.52 -0.98
C ALA H 32 6.18 4.46 -0.92
N LEU H 33 6.77 3.32 -1.29
CA LEU H 33 8.22 3.20 -1.28
C LEU H 33 8.87 4.11 -2.33
N GLU H 34 8.25 4.26 -3.50
CA GLU H 34 8.78 5.17 -4.50
C GLU H 34 8.81 6.59 -3.96
N ARG H 35 7.77 6.99 -3.23
CA ARG H 35 7.76 8.33 -2.63
CA ARG H 35 7.76 8.33 -2.63
C ARG H 35 8.82 8.45 -1.55
N GLU H 36 8.89 7.47 -0.66
CA GLU H 36 9.86 7.53 0.44
C GLU H 36 11.29 7.53 -0.08
N LEU H 37 11.57 6.70 -1.08
CA LEU H 37 12.93 6.63 -1.62
C LEU H 37 13.34 7.96 -2.23
N ALA H 38 12.45 8.59 -2.98
CA ALA H 38 12.78 9.87 -3.59
C ALA H 38 13.04 10.93 -2.53
N ALA H 39 12.25 10.94 -1.47
CA ALA H 39 12.46 11.90 -0.39
C ALA H 39 13.79 11.65 0.31
N LEU H 40 14.12 10.39 0.58
CA LEU H 40 15.38 10.08 1.23
C LEU H 40 16.57 10.45 0.36
N ARG H 41 16.47 10.18 -0.95
CA ARG H 41 17.56 10.56 -1.85
C ARG H 41 17.78 12.06 -1.82
N SER H 42 16.70 12.85 -1.80
CA SER H 42 16.84 14.30 -1.75
CA SER H 42 16.84 14.30 -1.75
C SER H 42 17.55 14.74 -0.46
N GLU H 43 17.20 14.10 0.66
CA GLU H 43 17.87 14.43 1.93
C GLU H 43 19.35 14.09 1.86
N LEU H 44 19.68 12.96 1.25
CA LEU H 44 21.09 12.56 1.15
CA LEU H 44 21.08 12.55 1.14
C LEU H 44 21.86 13.54 0.28
N GLN H 45 21.27 13.96 -0.85
CA GLN H 45 21.93 14.92 -1.71
C GLN H 45 22.12 16.25 -0.98
N ALA H 46 21.15 16.65 -0.16
CA ALA H 46 21.27 17.89 0.59
C ALA H 46 22.39 17.81 1.62
N LEU H 47 22.54 16.66 2.27
CA LEU H 47 23.63 16.49 3.22
C LEU H 47 24.99 16.52 2.52
N ARG H 48 25.10 15.81 1.40
CA ARG H 48 26.34 15.82 0.62
C ARG H 48 26.67 17.24 0.13
N GLY H 49 25.66 17.95 -0.37
CA GLY H 49 25.87 19.28 -0.92
C GLY H 49 26.23 20.34 0.11
N NH2 H 50 26.00 20.03 1.38
HN1 NH2 H 50 25.53 19.36 1.86
HN2 NH2 H 50 26.27 20.83 1.82
S SO4 I . -28.37 5.18 -17.58
O1 SO4 I . -27.23 5.08 -16.68
O2 SO4 I . -27.95 4.87 -18.94
O3 SO4 I . -29.42 4.26 -17.15
O4 SO4 I . -28.90 6.55 -17.55
ZN ZN J . 17.85 -0.70 -11.36
#